data_6OFW
#
_entry.id   6OFW
#
_cell.length_a   109.176
_cell.length_b   74.405
_cell.length_c   82.152
_cell.angle_alpha   90.00
_cell.angle_beta   126.41
_cell.angle_gamma   90.00
#
_symmetry.space_group_name_H-M   'C 1 2 1'
#
loop_
_entity.id
_entity.type
_entity.pdbx_description
1 polymer 'Dihydropteroate synthase'
2 non-polymer '4-{[(2-amino-4-oxo-3,4-dihydropteridin-6-yl)methyl]amino}benzoic acid'
3 non-polymer 'SULFATE ION'
4 water water
#
_entity_poly.entity_id   1
_entity_poly.type   'polypeptide(L)'
_entity_poly.pdbx_seq_one_letter_code
;MFDTSPRLDCAGRILTLDRPRVMGIVNVTPDSFSDGGTHTTVEAAVAHGLRLAEEGADLLDIGGESTRPGATAVPVEEEL
RRVIPVIERLVAQTALPLSVDTFKPEVMRAAVAAGAGMINDVQALRQPGALDAVADLRVPVVLMHMPGDAYAAGSAPHYD
DVVAEVHRFLVERIFAAEMAGIDKRRLLIDPGFGFGKSTADNVQLLAHLPRLCELGVPVLAGLSRKRSIGELTGRELPEQ
RVAGSVAAHLLAAQRGALLLRVHDVAATVDALTVWQAVQAVPSPRVATGTAMPIRWPDED
;
_entity_poly.pdbx_strand_id   A,B
#
loop_
_chem_comp.id
_chem_comp.type
_chem_comp.name
_chem_comp.formula
22D non-polymer '4-{[(2-amino-4-oxo-3,4-dihydropteridin-6-yl)methyl]amino}benzoic acid' 'C14 H12 N6 O3'
SO4 non-polymer 'SULFATE ION' 'O4 S -2'
#
# COMPACT_ATOMS: atom_id res chain seq x y z
N SER A 5 2.53 26.18 1.58
CA SER A 5 1.84 25.02 2.13
C SER A 5 0.89 25.38 3.27
N PRO A 6 -0.27 24.69 3.39
CA PRO A 6 -1.17 24.97 4.51
C PRO A 6 -0.49 24.72 5.87
N ARG A 7 -0.62 25.70 6.77
CA ARG A 7 -0.04 25.67 8.10
C ARG A 7 -1.21 25.82 9.06
N LEU A 8 -1.61 24.72 9.71
CA LEU A 8 -2.78 24.77 10.60
C LEU A 8 -2.39 24.99 12.03
N ASP A 9 -2.94 26.06 12.64
CA ASP A 9 -2.63 26.35 14.04
C ASP A 9 -3.69 25.66 14.90
N CYS A 10 -3.37 24.47 15.43
CA CYS A 10 -4.33 23.72 16.27
C CYS A 10 -4.19 24.13 17.71
N ALA A 11 -4.79 25.28 18.05
CA ALA A 11 -4.74 25.89 19.39
C ALA A 11 -3.30 25.86 19.97
N GLY A 12 -2.33 26.35 19.17
CA GLY A 12 -0.93 26.41 19.55
C GLY A 12 -0.05 25.30 19.04
N ARG A 13 -0.64 24.16 18.68
CA ARG A 13 0.13 23.04 18.11
C ARG A 13 0.00 23.10 16.58
N ILE A 14 1.11 23.41 15.92
CA ILE A 14 1.14 23.60 14.44
C ILE A 14 1.18 22.28 13.67
N LEU A 15 0.21 22.14 12.77
CA LEU A 15 0.18 20.97 11.86
C LEU A 15 0.52 21.55 10.48
N THR A 16 1.63 21.16 9.91
CA THR A 16 2.10 21.68 8.60
C THR A 16 1.84 20.65 7.50
N LEU A 17 1.08 21.04 6.51
CA LEU A 17 0.69 20.12 5.42
C LEU A 17 1.56 20.30 4.18
N ASP A 18 2.87 20.29 4.38
CA ASP A 18 3.87 20.34 3.31
C ASP A 18 3.97 18.94 2.66
N ARG A 19 3.42 17.94 3.36
CA ARG A 19 3.40 16.53 2.97
C ARG A 19 2.12 15.91 3.55
N PRO A 20 1.62 14.77 3.01
CA PRO A 20 0.41 14.16 3.61
C PRO A 20 0.67 13.73 5.06
N ARG A 21 -0.24 14.13 5.93
CA ARG A 21 -0.16 13.87 7.36
C ARG A 21 -1.16 12.81 7.78
N VAL A 22 -0.90 12.19 8.91
CA VAL A 22 -1.72 11.04 9.39
C VAL A 22 -2.48 11.42 10.67
N MET A 23 -3.80 11.30 10.60
CA MET A 23 -4.74 11.55 11.71
C MET A 23 -5.17 10.20 12.30
N GLY A 24 -4.66 9.85 13.47
CA GLY A 24 -4.98 8.59 14.12
C GLY A 24 -6.36 8.60 14.75
N ILE A 25 -7.14 7.57 14.50
CA ILE A 25 -8.51 7.45 15.01
C ILE A 25 -8.51 6.95 16.46
N VAL A 26 -9.11 7.73 17.35
CA VAL A 26 -9.22 7.34 18.75
C VAL A 26 -10.73 7.32 19.09
N ASN A 27 -11.33 6.13 19.06
CA ASN A 27 -12.73 5.96 19.38
C ASN A 27 -12.91 5.83 20.90
N VAL A 28 -13.90 6.53 21.48
CA VAL A 28 -14.11 6.49 22.94
C VAL A 28 -15.54 5.97 23.30
N THR A 29 -16.10 5.11 22.44
CA THR A 29 -17.44 4.55 22.64
C THR A 29 -17.42 3.35 23.56
N THR A 38 -17.16 5.73 31.73
CA THR A 38 -16.42 4.82 32.60
C THR A 38 -14.93 5.03 32.48
N HIS A 39 -14.24 4.94 33.62
CA HIS A 39 -12.79 5.09 33.72
C HIS A 39 -12.02 4.10 32.87
N THR A 40 -12.50 2.85 32.77
CA THR A 40 -11.83 1.80 31.98
C THR A 40 -11.96 2.10 30.46
N THR A 41 -13.06 2.77 30.02
CA THR A 41 -13.24 3.17 28.61
C THR A 41 -12.26 4.31 28.27
N VAL A 42 -12.16 5.28 29.19
CA VAL A 42 -11.25 6.43 29.09
C VAL A 42 -9.81 5.93 29.04
N GLU A 43 -9.44 5.02 29.97
CA GLU A 43 -8.12 4.41 30.09
C GLU A 43 -7.70 3.68 28.81
N ALA A 44 -8.62 2.92 28.21
CA ALA A 44 -8.33 2.18 26.98
C ALA A 44 -8.11 3.16 25.79
N ALA A 45 -8.97 4.20 25.69
CA ALA A 45 -8.86 5.23 24.64
C ALA A 45 -7.57 6.06 24.76
N VAL A 46 -7.19 6.43 25.98
CA VAL A 46 -5.93 7.17 26.22
C VAL A 46 -4.73 6.29 25.81
N ALA A 47 -4.67 5.04 26.31
CA ALA A 47 -3.58 4.11 25.96
C ALA A 47 -3.48 3.92 24.42
N HIS A 48 -4.62 3.85 23.74
CA HIS A 48 -4.66 3.70 22.28
C HIS A 48 -4.12 4.93 21.58
N GLY A 49 -4.54 6.11 22.00
CA GLY A 49 -4.04 7.36 21.45
C GLY A 49 -2.53 7.48 21.63
N LEU A 50 -2.01 7.01 22.79
CA LEU A 50 -0.56 7.01 23.07
C LEU A 50 0.17 6.05 22.13
N ARG A 51 -0.43 4.86 21.87
CA ARG A 51 0.12 3.87 20.92
C ARG A 51 0.19 4.49 19.51
N LEU A 52 -0.90 5.15 19.09
CA LEU A 52 -0.93 5.81 17.77
C LEU A 52 0.12 6.94 17.66
N ALA A 53 0.35 7.70 18.75
CA ALA A 53 1.37 8.76 18.77
C ALA A 53 2.77 8.10 18.58
N GLU A 54 3.06 6.98 19.27
CA GLU A 54 4.31 6.21 19.13
C GLU A 54 4.46 5.67 17.70
N GLU A 55 3.33 5.34 17.02
CA GLU A 55 3.33 4.82 15.64
C GLU A 55 3.57 5.93 14.59
N GLY A 56 3.63 7.18 15.03
CA GLY A 56 3.94 8.28 14.13
C GLY A 56 2.74 9.08 13.64
N ALA A 57 1.62 9.04 14.38
CA ALA A 57 0.47 9.87 14.02
C ALA A 57 0.88 11.34 14.11
N ASP A 58 0.41 12.13 13.16
CA ASP A 58 0.65 13.60 13.19
C ASP A 58 -0.48 14.30 13.96
N LEU A 59 -1.58 13.62 14.21
CA LEU A 59 -2.75 14.25 14.85
C LEU A 59 -3.65 13.12 15.36
N LEU A 60 -4.40 13.35 16.42
CA LEU A 60 -5.29 12.31 16.98
C LEU A 60 -6.74 12.81 16.88
N ASP A 61 -7.65 11.98 16.37
CA ASP A 61 -9.05 12.39 16.25
C ASP A 61 -9.88 11.61 17.25
N ILE A 62 -10.44 12.34 18.23
CA ILE A 62 -11.14 11.77 19.37
C ILE A 62 -12.66 11.87 19.14
N GLY A 63 -13.30 10.72 19.09
CA GLY A 63 -14.74 10.64 18.85
C GLY A 63 -15.45 9.87 19.92
N GLY A 64 -16.58 10.44 20.39
CA GLY A 64 -17.44 9.86 21.41
C GLY A 64 -18.89 9.64 21.00
N GLU A 65 -19.18 9.81 19.69
CA GLU A 65 -20.50 9.61 19.10
C GLU A 65 -20.48 8.63 17.92
N SER A 66 -21.67 8.37 17.33
CA SER A 66 -21.88 7.49 16.18
C SER A 66 -22.61 8.23 15.06
N VAL A 74 -26.78 10.58 20.78
CA VAL A 74 -26.50 10.65 22.24
C VAL A 74 -26.56 12.10 22.72
N PRO A 75 -26.80 12.35 24.02
CA PRO A 75 -26.91 13.69 24.56
C PRO A 75 -25.53 14.35 24.74
N VAL A 76 -25.45 15.67 24.58
CA VAL A 76 -24.19 16.42 24.74
C VAL A 76 -23.45 16.03 26.01
N GLU A 77 -24.15 16.03 27.17
CA GLU A 77 -23.50 15.76 28.46
C GLU A 77 -22.92 14.32 28.54
N GLU A 78 -23.46 13.37 27.77
CA GLU A 78 -22.98 11.99 27.73
C GLU A 78 -21.72 11.95 26.86
N GLU A 79 -21.78 12.63 25.68
CA GLU A 79 -20.67 12.79 24.75
C GLU A 79 -19.50 13.48 25.44
N LEU A 80 -19.78 14.48 26.31
CA LEU A 80 -18.73 15.17 27.07
C LEU A 80 -18.09 14.26 28.12
N ARG A 81 -18.90 13.42 28.80
CA ARG A 81 -18.39 12.52 29.85
C ARG A 81 -17.33 11.55 29.26
N ARG A 82 -17.52 11.10 28.01
CA ARG A 82 -16.61 10.22 27.27
C ARG A 82 -15.38 10.97 26.73
N VAL A 83 -15.58 12.05 25.96
CA VAL A 83 -14.50 12.73 25.24
C VAL A 83 -13.61 13.61 26.11
N ILE A 84 -14.16 14.43 27.03
CA ILE A 84 -13.34 15.38 27.82
C ILE A 84 -12.22 14.71 28.61
N PRO A 85 -12.45 13.61 29.36
CA PRO A 85 -11.32 13.01 30.11
C PRO A 85 -10.24 12.49 29.17
N VAL A 86 -10.61 11.99 27.99
CA VAL A 86 -9.64 11.48 27.01
C VAL A 86 -8.82 12.68 26.45
N ILE A 87 -9.52 13.78 26.05
CA ILE A 87 -8.82 14.99 25.57
C ILE A 87 -7.87 15.53 26.64
N GLU A 88 -8.36 15.69 27.88
CA GLU A 88 -7.54 16.20 28.99
C GLU A 88 -6.30 15.35 29.22
N ARG A 89 -6.42 14.02 29.20
CA ARG A 89 -5.27 13.13 29.43
C ARG A 89 -4.30 13.12 28.27
N LEU A 90 -4.80 13.11 27.01
CA LEU A 90 -3.93 13.08 25.83
C LEU A 90 -3.19 14.41 25.59
N VAL A 91 -3.80 15.55 25.95
CA VAL A 91 -3.17 16.87 25.79
C VAL A 91 -1.95 17.00 26.74
N ALA A 92 -2.03 16.35 27.91
CA ALA A 92 -0.96 16.32 28.91
C ALA A 92 0.12 15.30 28.60
N GLN A 93 -0.25 14.17 27.96
CA GLN A 93 0.67 13.06 27.70
C GLN A 93 1.27 12.99 26.29
N THR A 94 0.76 13.78 25.33
CA THR A 94 1.32 13.85 23.97
C THR A 94 1.47 15.30 23.58
N ALA A 95 2.36 15.54 22.64
CA ALA A 95 2.60 16.88 22.08
C ALA A 95 1.84 17.01 20.75
N LEU A 96 1.04 16.01 20.40
CA LEU A 96 0.32 16.01 19.11
C LEU A 96 -0.91 16.89 19.16
N PRO A 97 -1.30 17.51 18.02
CA PRO A 97 -2.56 18.21 17.90
C PRO A 97 -3.72 17.21 18.11
N LEU A 98 -4.79 17.72 18.72
CA LEU A 98 -5.92 16.85 19.00
C LEU A 98 -7.17 17.35 18.32
N SER A 99 -7.89 16.44 17.69
CA SER A 99 -9.11 16.77 16.99
C SER A 99 -10.29 16.19 17.74
N VAL A 100 -11.41 16.91 17.77
CA VAL A 100 -12.63 16.40 18.36
C VAL A 100 -13.61 16.11 17.25
N ASP A 101 -14.03 14.86 17.18
CA ASP A 101 -14.97 14.43 16.16
C ASP A 101 -16.38 14.61 16.71
N THR A 102 -17.02 15.74 16.37
CA THR A 102 -18.37 16.08 16.84
C THR A 102 -19.06 17.05 15.90
N PHE A 103 -20.42 17.03 15.88
CA PHE A 103 -21.26 17.95 15.13
C PHE A 103 -22.01 18.89 16.08
N LYS A 104 -21.86 18.68 17.40
CA LYS A 104 -22.57 19.46 18.42
C LYS A 104 -21.78 20.66 18.91
N PRO A 105 -22.29 21.93 18.76
CA PRO A 105 -21.50 23.10 19.16
C PRO A 105 -21.12 23.15 20.62
N GLU A 106 -21.96 22.58 21.51
CA GLU A 106 -21.62 22.58 22.95
C GLU A 106 -20.45 21.69 23.24
N VAL A 107 -20.32 20.62 22.46
CA VAL A 107 -19.16 19.71 22.58
C VAL A 107 -17.94 20.42 21.99
N MET A 108 -18.13 21.08 20.85
CA MET A 108 -16.99 21.78 20.21
C MET A 108 -16.37 22.77 21.18
N ARG A 109 -17.18 23.60 21.83
CA ARG A 109 -16.68 24.62 22.80
C ARG A 109 -16.02 23.96 24.02
N ALA A 110 -16.68 22.96 24.61
CA ALA A 110 -16.13 22.28 25.79
C ALA A 110 -14.85 21.50 25.49
N ALA A 111 -14.80 20.82 24.32
CA ALA A 111 -13.59 20.06 23.94
C ALA A 111 -12.40 20.98 23.75
N VAL A 112 -12.63 22.15 23.08
CA VAL A 112 -11.55 23.13 22.88
C VAL A 112 -11.11 23.67 24.24
N ALA A 113 -12.07 23.91 25.16
CA ALA A 113 -11.69 24.36 26.51
C ALA A 113 -10.85 23.30 27.22
N ALA A 114 -11.08 21.98 26.92
CA ALA A 114 -10.33 20.85 27.50
C ALA A 114 -8.93 20.61 26.87
N GLY A 115 -8.68 21.20 25.71
CA GLY A 115 -7.39 21.05 25.04
C GLY A 115 -7.44 20.64 23.58
N ALA A 116 -8.63 20.37 23.02
CA ALA A 116 -8.76 20.00 21.60
C ALA A 116 -8.29 21.20 20.76
N GLY A 117 -7.53 20.90 19.71
CA GLY A 117 -6.97 21.90 18.79
C GLY A 117 -7.62 21.91 17.42
N MET A 118 -8.61 21.06 17.17
CA MET A 118 -9.27 21.05 15.85
C MET A 118 -10.68 20.45 15.99
N ILE A 119 -11.61 20.88 15.18
CA ILE A 119 -12.97 20.31 15.14
C ILE A 119 -13.17 19.53 13.83
N ASN A 120 -13.53 18.27 13.99
CA ASN A 120 -13.81 17.36 12.87
C ASN A 120 -15.34 17.23 12.78
N ASP A 121 -15.95 17.97 11.86
CA ASP A 121 -17.42 18.04 11.82
C ASP A 121 -18.07 17.29 10.63
N VAL A 122 -18.60 16.11 10.89
CA VAL A 122 -19.31 15.33 9.84
C VAL A 122 -20.47 16.12 9.21
N GLN A 123 -21.01 17.11 9.93
CA GLN A 123 -22.13 17.93 9.46
C GLN A 123 -21.72 19.26 8.82
N ALA A 124 -20.40 19.50 8.69
CA ALA A 124 -19.83 20.71 8.06
C ALA A 124 -20.45 22.03 8.60
N LEU A 125 -20.57 22.12 9.92
CA LEU A 125 -21.14 23.27 10.68
C LEU A 125 -22.59 23.57 10.35
N ARG A 126 -23.37 22.54 9.96
CA ARG A 126 -24.79 22.71 9.66
C ARG A 126 -25.71 22.66 10.89
N GLN A 127 -25.21 22.13 12.03
CA GLN A 127 -26.01 22.11 13.25
C GLN A 127 -26.23 23.53 13.71
N PRO A 128 -27.48 23.87 14.12
CA PRO A 128 -27.74 25.24 14.60
C PRO A 128 -26.75 25.69 15.68
N GLY A 129 -26.10 26.82 15.41
CA GLY A 129 -25.08 27.38 16.29
C GLY A 129 -23.63 26.99 16.07
N ALA A 130 -23.32 25.93 15.25
CA ALA A 130 -21.92 25.48 15.03
C ALA A 130 -21.02 26.56 14.40
N LEU A 131 -21.58 27.30 13.41
CA LEU A 131 -20.83 28.37 12.72
C LEU A 131 -20.30 29.40 13.71
N ASP A 132 -21.21 29.93 14.55
CA ASP A 132 -20.87 30.92 15.58
C ASP A 132 -19.91 30.35 16.63
N ALA A 133 -20.17 29.12 17.04
CA ALA A 133 -19.32 28.43 18.03
C ALA A 133 -17.88 28.39 17.52
N VAL A 134 -17.68 27.95 16.30
CA VAL A 134 -16.31 27.78 15.78
C VAL A 134 -15.68 29.13 15.42
N ALA A 135 -16.48 30.10 15.00
CA ALA A 135 -15.97 31.42 14.59
C ALA A 135 -15.17 32.02 15.75
N ASP A 136 -15.65 31.86 16.98
CA ASP A 136 -15.10 32.30 18.26
C ASP A 136 -13.87 31.51 18.72
N LEU A 137 -13.78 30.21 18.35
CA LEU A 137 -12.74 29.32 18.85
C LEU A 137 -11.38 29.45 18.17
N ARG A 138 -11.30 29.86 16.93
CA ARG A 138 -9.96 29.96 16.31
C ARG A 138 -9.16 28.65 16.47
N VAL A 139 -9.75 27.55 16.03
CA VAL A 139 -9.15 26.21 15.84
C VAL A 139 -9.49 25.81 14.39
N PRO A 140 -8.73 24.93 13.71
CA PRO A 140 -9.12 24.47 12.39
C PRO A 140 -10.39 23.62 12.45
N VAL A 141 -11.07 23.48 11.30
CA VAL A 141 -12.37 22.77 11.26
C VAL A 141 -12.42 21.98 9.94
N VAL A 142 -12.80 20.73 10.06
CA VAL A 142 -13.01 19.85 8.88
C VAL A 142 -14.48 19.93 8.45
N LEU A 143 -14.70 20.35 7.23
CA LEU A 143 -16.01 20.46 6.61
C LEU A 143 -16.21 19.22 5.74
N MET A 144 -16.96 18.24 6.26
CA MET A 144 -17.19 16.99 5.56
C MET A 144 -18.50 16.98 4.81
N HIS A 145 -18.57 16.21 3.72
CA HIS A 145 -19.81 16.03 2.99
C HIS A 145 -20.52 14.79 3.48
N MET A 146 -21.79 14.94 3.82
CA MET A 146 -22.70 13.83 4.09
C MET A 146 -24.08 14.29 3.61
N PRO A 147 -24.83 13.46 2.84
CA PRO A 147 -26.13 13.93 2.30
C PRO A 147 -27.22 13.99 3.35
N ALA A 156 -27.69 5.01 0.55
CA ALA A 156 -27.05 6.02 -0.27
C ALA A 156 -28.03 6.65 -1.27
N PRO A 157 -28.09 8.01 -1.36
CA PRO A 157 -29.00 8.63 -2.33
C PRO A 157 -28.46 8.51 -3.75
N HIS A 158 -29.34 8.75 -4.72
CA HIS A 158 -28.94 8.73 -6.13
C HIS A 158 -28.22 10.05 -6.40
N TYR A 159 -27.07 9.98 -7.08
CA TYR A 159 -26.33 11.18 -7.46
C TYR A 159 -26.28 11.19 -8.98
N ASP A 160 -26.67 12.31 -9.60
CA ASP A 160 -26.55 12.49 -11.05
C ASP A 160 -25.06 12.59 -11.37
N ASP A 161 -24.29 13.28 -10.50
CA ASP A 161 -22.84 13.43 -10.62
C ASP A 161 -22.31 13.68 -9.19
N VAL A 162 -21.90 12.60 -8.51
CA VAL A 162 -21.43 12.65 -7.11
C VAL A 162 -20.24 13.63 -6.94
N VAL A 163 -19.31 13.66 -7.89
CA VAL A 163 -18.14 14.55 -7.83
C VAL A 163 -18.57 16.02 -7.88
N ALA A 164 -19.45 16.38 -8.83
CA ALA A 164 -19.97 17.74 -8.97
C ALA A 164 -20.82 18.14 -7.77
N GLU A 165 -21.64 17.22 -7.25
CA GLU A 165 -22.49 17.49 -6.08
C GLU A 165 -21.69 17.66 -4.79
N VAL A 166 -20.64 16.83 -4.59
CA VAL A 166 -19.79 16.93 -3.39
C VAL A 166 -19.01 18.25 -3.47
N HIS A 167 -18.50 18.59 -4.67
CA HIS A 167 -17.75 19.83 -4.93
C HIS A 167 -18.66 21.05 -4.62
N ARG A 168 -19.89 21.07 -5.14
CA ARG A 168 -20.85 22.18 -4.93
C ARG A 168 -21.18 22.35 -3.44
N PHE A 169 -21.49 21.23 -2.74
CA PHE A 169 -21.75 21.25 -1.30
C PHE A 169 -20.57 21.85 -0.53
N LEU A 170 -19.32 21.40 -0.84
CA LEU A 170 -18.12 21.86 -0.14
C LEU A 170 -17.83 23.32 -0.40
N VAL A 171 -18.08 23.81 -1.63
CA VAL A 171 -17.98 25.24 -1.97
C VAL A 171 -18.96 26.02 -1.04
N GLU A 172 -20.21 25.58 -0.96
CA GLU A 172 -21.25 26.22 -0.14
C GLU A 172 -20.86 26.28 1.33
N ARG A 173 -20.25 25.18 1.87
CA ARG A 173 -19.83 25.17 3.27
C ARG A 173 -18.61 26.03 3.51
N ILE A 174 -17.65 26.06 2.56
CA ILE A 174 -16.47 26.93 2.71
C ILE A 174 -16.97 28.37 2.82
N PHE A 175 -17.85 28.76 1.89
CA PHE A 175 -18.37 30.11 1.82
C PHE A 175 -19.18 30.46 3.09
N ALA A 176 -20.06 29.54 3.56
CA ALA A 176 -20.85 29.73 4.78
C ALA A 176 -19.92 29.91 5.98
N ALA A 177 -18.82 29.14 6.05
CA ALA A 177 -17.84 29.27 7.15
C ALA A 177 -17.18 30.65 7.07
N GLU A 178 -16.74 31.06 5.87
CA GLU A 178 -16.09 32.37 5.62
C GLU A 178 -17.02 33.53 5.98
N MET A 179 -18.30 33.46 5.58
CA MET A 179 -19.32 34.49 5.87
C MET A 179 -19.55 34.60 7.38
N ALA A 180 -19.30 33.50 8.16
CA ALA A 180 -19.50 33.47 9.61
C ALA A 180 -18.28 33.98 10.36
N GLY A 181 -17.24 34.35 9.63
CA GLY A 181 -16.00 34.89 10.23
C GLY A 181 -14.90 33.88 10.44
N ILE A 182 -15.05 32.67 9.86
CA ILE A 182 -14.01 31.65 9.98
C ILE A 182 -13.04 31.86 8.85
N ASP A 183 -11.79 32.13 9.19
CA ASP A 183 -10.73 32.36 8.19
C ASP A 183 -10.55 31.10 7.34
N LYS A 184 -10.50 31.28 6.01
CA LYS A 184 -10.34 30.19 5.03
C LYS A 184 -9.13 29.31 5.36
N ARG A 185 -8.07 29.90 5.92
CA ARG A 185 -6.84 29.19 6.30
C ARG A 185 -7.03 28.20 7.47
N ARG A 186 -8.18 28.23 8.13
CA ARG A 186 -8.48 27.33 9.24
C ARG A 186 -9.28 26.12 8.71
N LEU A 187 -9.66 26.16 7.45
CA LEU A 187 -10.57 25.15 6.87
C LEU A 187 -9.87 23.94 6.27
N LEU A 188 -10.51 22.81 6.42
CA LEU A 188 -10.15 21.58 5.70
C LEU A 188 -11.44 21.05 5.10
N ILE A 189 -11.34 20.29 4.04
CA ILE A 189 -12.57 19.73 3.45
C ILE A 189 -12.43 18.22 3.34
N ASP A 190 -13.56 17.55 3.25
CA ASP A 190 -13.52 16.09 3.20
C ASP A 190 -14.75 15.58 2.43
N PRO A 191 -14.56 14.70 1.43
CA PRO A 191 -15.67 14.18 0.62
C PRO A 191 -16.57 13.22 1.38
N GLY A 192 -16.17 12.85 2.58
CA GLY A 192 -16.98 11.96 3.39
C GLY A 192 -17.14 10.59 2.77
N PHE A 193 -16.04 9.87 2.56
CA PHE A 193 -16.12 8.51 2.01
C PHE A 193 -16.99 7.65 2.91
N GLY A 194 -17.92 6.90 2.30
CA GLY A 194 -18.82 6.02 3.02
C GLY A 194 -20.06 6.64 3.66
N PHE A 195 -20.21 7.98 3.60
CA PHE A 195 -21.40 8.66 4.15
C PHE A 195 -22.41 8.89 3.02
N GLY A 196 -23.45 8.06 2.98
CA GLY A 196 -24.47 8.14 1.93
C GLY A 196 -23.87 7.99 0.55
N LYS A 197 -22.92 7.03 0.40
CA LYS A 197 -22.21 6.80 -0.86
C LYS A 197 -22.03 5.32 -1.13
N SER A 198 -22.31 4.91 -2.37
CA SER A 198 -22.14 3.51 -2.75
C SER A 198 -20.64 3.28 -2.96
N THR A 199 -20.23 2.02 -3.12
CA THR A 199 -18.83 1.67 -3.44
C THR A 199 -18.42 2.42 -4.72
N ALA A 200 -19.29 2.43 -5.76
CA ALA A 200 -19.03 3.14 -7.02
C ALA A 200 -18.84 4.65 -6.82
N ASP A 201 -19.65 5.29 -5.93
CA ASP A 201 -19.54 6.72 -5.61
C ASP A 201 -18.19 6.99 -4.93
N ASN A 202 -17.78 6.12 -3.99
CA ASN A 202 -16.51 6.29 -3.26
C ASN A 202 -15.33 6.18 -4.18
N VAL A 203 -15.35 5.21 -5.12
CA VAL A 203 -14.27 5.01 -6.11
C VAL A 203 -14.21 6.22 -7.03
N GLN A 204 -15.38 6.72 -7.47
CA GLN A 204 -15.46 7.92 -8.32
C GLN A 204 -14.84 9.12 -7.60
N LEU A 205 -15.19 9.34 -6.31
CA LEU A 205 -14.64 10.45 -5.53
C LEU A 205 -13.14 10.34 -5.32
N LEU A 206 -12.64 9.13 -5.08
CA LEU A 206 -11.20 8.89 -4.90
C LEU A 206 -10.45 9.14 -6.22
N ALA A 207 -10.93 8.57 -7.32
CA ALA A 207 -10.32 8.78 -8.63
C ALA A 207 -10.34 10.25 -9.03
N HIS A 208 -11.42 10.97 -8.72
CA HIS A 208 -11.56 12.40 -9.07
C HIS A 208 -11.18 13.35 -7.93
N LEU A 209 -10.46 12.84 -6.90
CA LEU A 209 -10.01 13.67 -5.77
C LEU A 209 -9.25 14.95 -6.18
N PRO A 210 -8.40 14.97 -7.26
CA PRO A 210 -7.74 16.25 -7.62
C PRO A 210 -8.70 17.42 -7.90
N ARG A 211 -9.93 17.13 -8.34
CA ARG A 211 -10.98 18.14 -8.61
C ARG A 211 -11.42 18.86 -7.33
N LEU A 212 -11.38 18.16 -6.19
CA LEU A 212 -11.71 18.74 -4.88
C LEU A 212 -10.56 19.58 -4.34
N CYS A 213 -9.30 19.27 -4.75
CA CYS A 213 -8.10 19.99 -4.32
C CYS A 213 -7.97 21.38 -4.94
N GLU A 214 -8.85 21.68 -5.89
CA GLU A 214 -8.91 22.98 -6.61
C GLU A 214 -9.71 24.01 -5.80
N LEU A 215 -10.27 23.63 -4.64
CA LEU A 215 -11.01 24.60 -3.81
C LEU A 215 -10.07 25.46 -2.94
N GLY A 216 -8.77 25.22 -2.98
CA GLY A 216 -7.79 26.02 -2.24
C GLY A 216 -7.73 25.70 -0.76
N VAL A 217 -8.25 24.54 -0.37
CA VAL A 217 -8.21 24.15 1.04
C VAL A 217 -7.73 22.70 1.14
N PRO A 218 -6.93 22.36 2.17
CA PRO A 218 -6.46 20.97 2.31
C PRO A 218 -7.60 19.95 2.35
N VAL A 219 -7.37 18.78 1.74
CA VAL A 219 -8.36 17.74 1.67
C VAL A 219 -7.99 16.61 2.63
N LEU A 220 -8.95 16.17 3.44
N LEU A 220 -8.95 16.17 3.44
CA LEU A 220 -8.81 15.05 4.36
CA LEU A 220 -8.84 15.05 4.36
C LEU A 220 -9.62 13.88 3.78
C LEU A 220 -9.59 13.89 3.67
N ALA A 221 -9.00 12.68 3.70
CA ALA A 221 -9.66 11.47 3.19
C ALA A 221 -9.62 10.47 4.31
N GLY A 222 -10.77 9.83 4.53
CA GLY A 222 -10.98 8.80 5.55
C GLY A 222 -11.65 7.58 4.96
N LEU A 223 -10.85 6.60 4.58
CA LEU A 223 -11.33 5.34 3.96
C LEU A 223 -10.99 4.17 4.87
N SER A 224 -10.62 4.47 6.11
CA SER A 224 -10.09 3.44 7.01
C SER A 224 -11.09 2.32 7.33
N ARG A 225 -10.77 1.15 6.83
CA ARG A 225 -11.51 -0.11 7.09
C ARG A 225 -12.99 0.01 6.75
N LYS A 226 -13.31 0.89 5.78
CA LYS A 226 -14.69 1.19 5.44
C LYS A 226 -15.29 0.10 4.56
N ARG A 227 -16.62 0.00 4.58
CA ARG A 227 -17.34 -1.02 3.83
C ARG A 227 -16.98 -1.06 2.35
N SER A 228 -16.75 0.09 1.72
N SER A 228 -16.75 0.09 1.72
CA SER A 228 -16.41 0.11 0.28
CA SER A 228 -16.40 0.13 0.28
C SER A 228 -15.04 -0.53 0.03
C SER A 228 -15.05 -0.54 0.03
N ILE A 229 -14.15 -0.45 1.01
CA ILE A 229 -12.84 -1.11 0.85
C ILE A 229 -13.12 -2.61 0.90
N GLY A 230 -13.94 -3.02 1.86
CA GLY A 230 -14.36 -4.42 2.04
C GLY A 230 -15.04 -4.96 0.80
N GLU A 231 -15.89 -4.17 0.14
CA GLU A 231 -16.59 -4.59 -1.09
C GLU A 231 -15.61 -4.77 -2.25
N LEU A 232 -14.64 -3.84 -2.41
CA LEU A 232 -13.65 -3.92 -3.47
C LEU A 232 -12.74 -5.13 -3.34
N THR A 233 -12.45 -5.55 -2.08
CA THR A 233 -11.46 -6.60 -1.81
C THR A 233 -12.06 -7.93 -1.33
N GLY A 234 -13.36 -7.93 -1.05
CA GLY A 234 -14.04 -9.09 -0.51
C GLY A 234 -13.68 -9.35 0.94
N ARG A 235 -13.35 -8.29 1.71
CA ARG A 235 -12.97 -8.44 3.12
C ARG A 235 -14.12 -8.00 4.01
N GLU A 236 -14.79 -8.96 4.65
CA GLU A 236 -16.00 -8.69 5.41
C GLU A 236 -15.82 -7.96 6.74
N LEU A 237 -14.70 -8.16 7.44
CA LEU A 237 -14.54 -7.56 8.78
C LEU A 237 -13.53 -6.39 8.75
N PRO A 238 -13.71 -5.34 9.58
CA PRO A 238 -12.86 -4.16 9.56
C PRO A 238 -11.35 -4.44 9.54
N GLU A 239 -10.90 -5.31 10.42
CA GLU A 239 -9.47 -5.62 10.59
C GLU A 239 -8.91 -6.38 9.38
N GLN A 240 -9.78 -7.02 8.59
CA GLN A 240 -9.37 -7.73 7.36
C GLN A 240 -9.14 -6.70 6.24
N ARG A 241 -9.57 -5.46 6.44
CA ARG A 241 -9.48 -4.40 5.41
C ARG A 241 -8.23 -3.51 5.52
N VAL A 242 -7.25 -3.87 6.37
CA VAL A 242 -6.04 -3.04 6.55
C VAL A 242 -5.24 -2.82 5.26
N ALA A 243 -4.87 -3.91 4.55
CA ALA A 243 -4.11 -3.76 3.31
C ALA A 243 -4.82 -2.87 2.30
N GLY A 244 -6.11 -3.12 2.09
CA GLY A 244 -6.88 -2.31 1.14
C GLY A 244 -6.99 -0.85 1.57
N SER A 245 -7.09 -0.59 2.89
CA SER A 245 -7.22 0.76 3.43
C SER A 245 -5.89 1.52 3.26
N VAL A 246 -4.76 0.84 3.55
CA VAL A 246 -3.41 1.46 3.42
C VAL A 246 -3.20 1.85 1.95
N ALA A 247 -3.61 0.96 1.01
CA ALA A 247 -3.52 1.26 -0.42
C ALA A 247 -4.41 2.44 -0.81
N ALA A 248 -5.67 2.48 -0.30
CA ALA A 248 -6.63 3.59 -0.59
C ALA A 248 -6.08 4.90 -0.11
N HIS A 249 -5.47 4.90 1.09
CA HIS A 249 -4.89 6.13 1.65
C HIS A 249 -3.67 6.59 0.89
N LEU A 250 -2.82 5.65 0.40
CA LEU A 250 -1.69 6.02 -0.45
C LEU A 250 -2.20 6.66 -1.74
N LEU A 251 -3.23 6.05 -2.38
CA LEU A 251 -3.83 6.59 -3.61
C LEU A 251 -4.46 7.96 -3.37
N ALA A 252 -5.13 8.15 -2.18
CA ALA A 252 -5.73 9.42 -1.81
C ALA A 252 -4.63 10.48 -1.70
N ALA A 253 -3.50 10.15 -1.02
CA ALA A 253 -2.34 11.07 -0.94
C ALA A 253 -1.76 11.38 -2.35
N GLN A 254 -1.66 10.37 -3.24
CA GLN A 254 -1.14 10.60 -4.60
C GLN A 254 -2.06 11.53 -5.39
N ARG A 255 -3.36 11.50 -5.06
CA ARG A 255 -4.39 12.28 -5.74
C ARG A 255 -4.71 13.62 -5.03
N GLY A 256 -3.82 14.05 -4.15
CA GLY A 256 -3.94 15.37 -3.52
C GLY A 256 -4.34 15.47 -2.06
N ALA A 257 -4.79 14.37 -1.40
CA ALA A 257 -5.17 14.47 0.01
C ALA A 257 -3.96 14.83 0.86
N LEU A 258 -4.12 15.79 1.80
CA LEU A 258 -3.01 16.21 2.67
C LEU A 258 -3.15 15.67 4.10
N LEU A 259 -4.30 15.06 4.39
CA LEU A 259 -4.53 14.46 5.71
C LEU A 259 -5.27 13.16 5.51
N LEU A 260 -4.90 12.11 6.27
CA LEU A 260 -5.48 10.79 6.13
C LEU A 260 -5.95 10.28 7.47
N ARG A 261 -7.25 9.99 7.58
CA ARG A 261 -7.87 9.55 8.83
C ARG A 261 -7.87 8.05 8.88
N VAL A 262 -6.98 7.47 9.69
CA VAL A 262 -6.73 6.03 9.70
C VAL A 262 -6.70 5.36 11.07
N HIS A 263 -7.02 4.07 11.11
CA HIS A 263 -6.90 3.26 12.32
C HIS A 263 -5.44 2.73 12.37
N ASP A 264 -4.90 2.36 11.17
CA ASP A 264 -3.63 1.70 10.99
C ASP A 264 -2.52 2.69 10.74
N VAL A 265 -2.12 3.33 11.82
CA VAL A 265 -1.14 4.43 11.75
C VAL A 265 0.23 3.97 11.27
N ALA A 266 0.88 2.99 11.95
CA ALA A 266 2.25 2.57 11.58
C ALA A 266 2.32 2.09 10.15
N ALA A 267 1.28 1.36 9.71
CA ALA A 267 1.23 0.82 8.36
C ALA A 267 1.08 1.93 7.32
N THR A 268 0.22 2.94 7.59
CA THR A 268 0.00 4.07 6.66
C THR A 268 1.29 4.93 6.63
N VAL A 269 1.90 5.15 7.80
CA VAL A 269 3.18 5.89 7.86
C VAL A 269 4.23 5.20 6.94
N ASP A 270 4.41 3.88 7.07
CA ASP A 270 5.37 3.13 6.23
C ASP A 270 5.08 3.28 4.74
N ALA A 271 3.79 3.16 4.33
CA ALA A 271 3.40 3.32 2.92
C ALA A 271 3.77 4.70 2.39
N LEU A 272 3.42 5.74 3.15
CA LEU A 272 3.71 7.12 2.72
C LEU A 272 5.21 7.43 2.70
N THR A 273 5.97 6.84 3.62
CA THR A 273 7.43 7.03 3.69
C THR A 273 8.10 6.45 2.41
N VAL A 274 7.68 5.25 2.00
CA VAL A 274 8.21 4.62 0.78
C VAL A 274 7.87 5.52 -0.41
N TRP A 275 6.59 5.96 -0.52
CA TRP A 275 6.17 6.83 -1.60
C TRP A 275 6.91 8.16 -1.62
N GLN A 276 7.10 8.79 -0.45
CA GLN A 276 7.85 10.05 -0.35
C GLN A 276 9.28 9.87 -0.91
N ALA A 277 9.95 8.74 -0.58
CA ALA A 277 11.32 8.44 -1.07
C ALA A 277 11.35 8.36 -2.60
N VAL A 278 10.37 7.69 -3.22
CA VAL A 278 10.26 7.55 -4.67
C VAL A 278 9.94 8.92 -5.31
N GLN A 279 8.97 9.66 -4.73
CA GLN A 279 8.53 10.97 -5.22
C GLN A 279 9.66 12.01 -5.20
N ALA A 280 10.56 11.92 -4.20
CA ALA A 280 11.71 12.83 -4.02
C ALA A 280 12.75 12.76 -5.14
N VAL A 281 12.75 11.67 -5.95
CA VAL A 281 13.74 11.47 -7.02
C VAL A 281 13.47 12.44 -8.20
N PRO A 282 14.45 13.32 -8.53
CA PRO A 282 14.23 14.25 -9.65
C PRO A 282 14.50 13.63 -11.02
N PRO B 6 1.08 -8.75 -23.05
CA PRO B 6 1.88 -9.98 -23.03
C PRO B 6 1.06 -11.18 -22.52
N ARG B 7 1.16 -12.29 -23.25
CA ARG B 7 0.50 -13.55 -22.91
C ARG B 7 1.63 -14.57 -22.80
N LEU B 8 1.95 -14.97 -21.55
CA LEU B 8 3.05 -15.90 -21.35
C LEU B 8 2.55 -17.34 -21.26
N ASP B 9 3.10 -18.20 -22.12
CA ASP B 9 2.72 -19.60 -22.13
C ASP B 9 3.69 -20.35 -21.22
N CYS B 10 3.29 -20.58 -19.96
CA CYS B 10 4.14 -21.28 -18.99
C CYS B 10 3.90 -22.77 -19.07
N ALA B 11 4.53 -23.40 -20.09
CA ALA B 11 4.40 -24.84 -20.37
C ALA B 11 2.93 -25.30 -20.32
N GLY B 12 2.05 -24.58 -21.03
CA GLY B 12 0.63 -24.90 -21.08
C GLY B 12 -0.28 -24.09 -20.16
N ARG B 13 0.29 -23.50 -19.10
CA ARG B 13 -0.45 -22.63 -18.14
C ARG B 13 -0.23 -21.19 -18.53
N ILE B 14 -1.30 -20.53 -18.96
CA ILE B 14 -1.24 -19.15 -19.51
C ILE B 14 -1.28 -18.10 -18.39
N LEU B 15 -0.29 -17.23 -18.39
CA LEU B 15 -0.17 -16.06 -17.48
C LEU B 15 -0.43 -14.83 -18.34
N THR B 16 -1.56 -14.21 -18.16
CA THR B 16 -1.92 -13.05 -18.97
C THR B 16 -1.57 -11.76 -18.24
N LEU B 17 -0.69 -10.95 -18.84
CA LEU B 17 -0.21 -9.71 -18.25
C LEU B 17 -0.95 -8.48 -18.79
N ASP B 18 -2.27 -8.54 -18.77
CA ASP B 18 -3.16 -7.44 -19.15
C ASP B 18 -3.25 -6.45 -17.96
N ARG B 19 -2.79 -6.93 -16.78
CA ARG B 19 -2.80 -6.23 -15.50
C ARG B 19 -1.61 -6.74 -14.68
N PRO B 20 -1.11 -5.98 -13.69
CA PRO B 20 0.00 -6.52 -12.87
C PRO B 20 -0.40 -7.79 -12.12
N ARG B 21 0.44 -8.79 -12.23
CA ARG B 21 0.21 -10.11 -11.64
C ARG B 21 1.12 -10.37 -10.47
N VAL B 22 0.72 -11.27 -9.59
CA VAL B 22 1.45 -11.57 -8.32
C VAL B 22 2.16 -12.93 -8.36
N MET B 23 3.46 -12.89 -8.16
CA MET B 23 4.33 -14.08 -8.09
C MET B 23 4.61 -14.37 -6.61
N GLY B 24 3.99 -15.39 -6.08
CA GLY B 24 4.14 -15.83 -4.68
C GLY B 24 5.46 -16.50 -4.43
N ILE B 25 6.19 -16.05 -3.42
CA ILE B 25 7.50 -16.61 -3.07
C ILE B 25 7.36 -17.90 -2.30
N VAL B 26 7.92 -18.99 -2.82
CA VAL B 26 7.91 -20.28 -2.12
C VAL B 26 9.37 -20.69 -1.90
N ASN B 27 9.90 -20.48 -0.70
CA ASN B 27 11.29 -20.83 -0.40
C ASN B 27 11.36 -22.19 0.21
N VAL B 28 12.14 -23.09 -0.41
CA VAL B 28 12.28 -24.46 0.06
C VAL B 28 13.61 -24.61 0.81
N THR B 29 13.69 -24.06 2.00
CA THR B 29 14.91 -24.18 2.82
C THR B 29 14.47 -24.48 4.25
N PRO B 30 15.17 -25.39 4.99
CA PRO B 30 14.77 -25.65 6.39
C PRO B 30 14.57 -24.39 7.22
N ASP B 31 15.48 -23.40 7.07
CA ASP B 31 15.49 -22.09 7.72
C ASP B 31 14.22 -21.23 7.49
N SER B 32 13.54 -21.44 6.35
CA SER B 32 12.32 -20.68 6.01
C SER B 32 11.07 -21.07 6.82
N PHE B 33 11.14 -22.16 7.63
CA PHE B 33 10.00 -22.63 8.41
C PHE B 33 10.33 -22.85 9.89
N SER B 34 9.33 -22.61 10.79
CA SER B 34 9.51 -22.78 12.24
C SER B 34 9.78 -24.27 12.49
N ASP B 35 11.06 -24.60 12.68
CA ASP B 35 11.53 -25.98 12.84
C ASP B 35 11.12 -26.62 14.17
N GLY B 36 9.87 -27.07 14.22
CA GLY B 36 9.34 -27.80 15.36
C GLY B 36 9.86 -29.23 15.35
N GLY B 37 10.07 -29.77 14.15
CA GLY B 37 10.60 -31.11 13.96
C GLY B 37 9.53 -32.18 13.77
N THR B 38 8.35 -31.77 13.25
CA THR B 38 7.29 -32.77 12.99
C THR B 38 6.84 -32.66 11.55
N HIS B 39 7.44 -31.73 10.76
CA HIS B 39 7.12 -31.56 9.33
C HIS B 39 8.38 -31.69 8.47
N THR B 40 8.23 -32.13 7.21
CA THR B 40 9.38 -32.16 6.32
C THR B 40 9.45 -30.75 5.65
N THR B 41 10.60 -30.37 5.12
CA THR B 41 10.84 -29.08 4.46
C THR B 41 9.95 -28.99 3.23
N VAL B 42 9.87 -30.11 2.48
CA VAL B 42 9.04 -30.22 1.26
C VAL B 42 7.58 -29.98 1.61
N GLU B 43 7.09 -30.66 2.65
CA GLU B 43 5.71 -30.57 3.16
C GLU B 43 5.33 -29.15 3.54
N ALA B 44 6.24 -28.43 4.24
CA ALA B 44 5.99 -27.05 4.66
C ALA B 44 5.94 -26.12 3.43
N ALA B 45 6.85 -26.31 2.46
CA ALA B 45 6.91 -25.51 1.22
C ALA B 45 5.68 -25.71 0.34
N VAL B 46 5.22 -26.96 0.21
CA VAL B 46 4.01 -27.27 -0.56
C VAL B 46 2.79 -26.59 0.11
N ALA B 47 2.61 -26.78 1.44
CA ALA B 47 1.48 -26.16 2.17
C ALA B 47 1.52 -24.62 2.01
N HIS B 48 2.73 -24.02 2.02
CA HIS B 48 2.88 -22.57 1.86
C HIS B 48 2.49 -22.12 0.48
N GLY B 49 2.93 -22.82 -0.56
CA GLY B 49 2.55 -22.54 -1.94
C GLY B 49 1.05 -22.65 -2.13
N LEU B 50 0.41 -23.63 -1.47
CA LEU B 50 -1.06 -23.81 -1.52
C LEU B 50 -1.77 -22.62 -0.85
N ARG B 51 -1.22 -22.12 0.28
CA ARG B 51 -1.76 -20.95 1.01
C ARG B 51 -1.68 -19.73 0.11
N LEU B 52 -0.52 -19.52 -0.55
CA LEU B 52 -0.34 -18.40 -1.46
C LEU B 52 -1.30 -18.48 -2.66
N ALA B 53 -1.57 -19.70 -3.18
CA ALA B 53 -2.54 -19.89 -4.28
C ALA B 53 -3.95 -19.47 -3.79
N GLU B 54 -4.36 -19.86 -2.57
CA GLU B 54 -5.63 -19.47 -1.94
C GLU B 54 -5.71 -17.94 -1.77
N GLU B 55 -4.55 -17.27 -1.48
CA GLU B 55 -4.46 -15.83 -1.30
C GLU B 55 -4.56 -15.05 -2.61
N GLY B 56 -4.57 -15.75 -3.74
CA GLY B 56 -4.73 -15.10 -5.03
C GLY B 56 -3.47 -14.91 -5.82
N ALA B 57 -2.40 -15.70 -5.53
CA ALA B 57 -1.19 -15.61 -6.34
C ALA B 57 -1.52 -16.02 -7.77
N ASP B 58 -0.93 -15.35 -8.74
CA ASP B 58 -1.10 -15.64 -10.18
C ASP B 58 -0.04 -16.65 -10.66
N LEU B 59 1.01 -16.86 -9.87
CA LEU B 59 2.16 -17.71 -10.23
C LEU B 59 2.96 -17.95 -8.93
N LEU B 60 3.57 -19.11 -8.78
CA LEU B 60 4.41 -19.41 -7.61
C LEU B 60 5.89 -19.54 -8.02
N ASP B 61 6.78 -18.92 -7.30
CA ASP B 61 8.19 -18.98 -7.61
C ASP B 61 8.88 -19.85 -6.56
N ILE B 62 9.36 -21.02 -7.00
CA ILE B 62 9.95 -22.05 -6.15
C ILE B 62 11.47 -21.97 -6.17
N GLY B 63 12.05 -21.72 -5.03
CA GLY B 63 13.52 -21.60 -4.92
C GLY B 63 14.09 -22.49 -3.84
N GLY B 64 15.25 -23.10 -4.12
CA GLY B 64 15.93 -23.96 -3.16
C GLY B 64 17.23 -23.38 -2.64
N GLU B 65 17.65 -22.23 -3.17
CA GLU B 65 18.92 -21.57 -2.80
C GLU B 65 18.71 -20.09 -2.59
N ALA B 73 25.89 -20.86 -0.59
CA ALA B 73 25.87 -21.62 -1.85
C ALA B 73 25.33 -23.01 -1.61
N VAL B 74 24.24 -23.36 -2.29
CA VAL B 74 23.61 -24.66 -2.16
C VAL B 74 24.13 -25.59 -3.23
N PRO B 75 24.67 -26.78 -2.85
CA PRO B 75 25.15 -27.72 -3.87
C PRO B 75 23.97 -28.18 -4.73
N VAL B 76 24.19 -28.33 -6.05
CA VAL B 76 23.16 -28.65 -7.05
C VAL B 76 22.29 -29.84 -6.63
N GLU B 77 22.90 -30.90 -6.05
CA GLU B 77 22.12 -32.06 -5.63
C GLU B 77 21.15 -31.73 -4.52
N GLU B 78 21.56 -30.85 -3.58
CA GLU B 78 20.68 -30.42 -2.49
C GLU B 78 19.56 -29.52 -3.04
N GLU B 79 19.90 -28.65 -4.02
CA GLU B 79 18.92 -27.74 -4.65
C GLU B 79 17.83 -28.58 -5.29
N LEU B 80 18.22 -29.60 -6.07
CA LEU B 80 17.28 -30.53 -6.73
C LEU B 80 16.40 -31.24 -5.73
N ARG B 81 17.01 -31.76 -4.65
CA ARG B 81 16.35 -32.47 -3.56
C ARG B 81 15.28 -31.57 -2.90
N ARG B 82 15.53 -30.27 -2.82
CA ARG B 82 14.56 -29.31 -2.28
C ARG B 82 13.48 -28.95 -3.28
N VAL B 83 13.84 -28.43 -4.44
CA VAL B 83 12.83 -27.88 -5.38
C VAL B 83 11.99 -28.92 -6.12
N ILE B 84 12.58 -30.01 -6.58
CA ILE B 84 11.84 -30.98 -7.46
C ILE B 84 10.60 -31.57 -6.79
N PRO B 85 10.64 -32.14 -5.57
CA PRO B 85 9.46 -32.72 -4.96
C PRO B 85 8.38 -31.65 -4.73
N VAL B 86 8.80 -30.42 -4.40
CA VAL B 86 7.87 -29.31 -4.21
C VAL B 86 7.15 -29.00 -5.56
N ILE B 87 7.93 -28.90 -6.65
CA ILE B 87 7.35 -28.66 -7.99
C ILE B 87 6.35 -29.79 -8.35
N GLU B 88 6.75 -31.06 -8.17
CA GLU B 88 5.89 -32.22 -8.48
C GLU B 88 4.58 -32.17 -7.72
N ARG B 89 4.63 -31.84 -6.41
CA ARG B 89 3.42 -31.76 -5.60
C ARG B 89 2.54 -30.57 -5.94
N LEU B 90 3.13 -29.38 -6.17
CA LEU B 90 2.37 -28.17 -6.50
C LEU B 90 1.72 -28.20 -7.88
N VAL B 91 2.37 -28.86 -8.86
CA VAL B 91 1.83 -28.96 -10.23
C VAL B 91 0.54 -29.83 -10.23
N ALA B 92 0.49 -30.83 -9.34
CA ALA B 92 -0.65 -31.72 -9.16
C ALA B 92 -1.76 -31.09 -8.34
N GLN B 93 -1.41 -30.23 -7.35
CA GLN B 93 -2.37 -29.65 -6.40
C GLN B 93 -2.85 -28.23 -6.71
N THR B 94 -2.23 -27.54 -7.67
CA THR B 94 -2.65 -26.19 -8.08
C THR B 94 -2.68 -26.12 -9.59
N ALA B 95 -3.47 -25.22 -10.14
CA ALA B 95 -3.51 -24.98 -11.59
C ALA B 95 -2.63 -23.77 -11.93
N LEU B 96 -1.97 -23.20 -10.93
CA LEU B 96 -1.16 -22.01 -11.22
C LEU B 96 0.09 -22.35 -12.04
N PRO B 97 0.59 -21.40 -12.83
CA PRO B 97 1.90 -21.51 -13.43
C PRO B 97 2.98 -21.57 -12.31
N LEU B 98 4.05 -22.31 -12.55
CA LEU B 98 5.10 -22.46 -11.56
C LEU B 98 6.42 -22.02 -12.12
N SER B 99 7.10 -21.17 -11.39
CA SER B 99 8.40 -20.68 -11.77
C SER B 99 9.44 -21.37 -10.91
N VAL B 100 10.61 -21.65 -11.49
CA VAL B 100 11.73 -22.18 -10.72
C VAL B 100 12.78 -21.10 -10.61
N ASP B 101 13.14 -20.77 -9.39
CA ASP B 101 14.12 -19.74 -9.12
C ASP B 101 15.48 -20.42 -9.03
N THR B 102 16.23 -20.42 -10.16
CA THR B 102 17.54 -21.07 -10.24
C THR B 102 18.39 -20.47 -11.34
N PHE B 103 19.72 -20.54 -11.18
CA PHE B 103 20.69 -20.11 -12.19
C PHE B 103 21.39 -21.33 -12.82
N LYS B 104 21.11 -22.53 -12.30
CA LYS B 104 21.75 -23.77 -12.75
C LYS B 104 20.97 -24.47 -13.83
N PRO B 105 21.57 -24.68 -15.04
CA PRO B 105 20.82 -25.34 -16.14
C PRO B 105 20.35 -26.74 -15.81
N GLU B 106 21.05 -27.49 -14.95
CA GLU B 106 20.62 -28.86 -14.59
C GLU B 106 19.33 -28.79 -13.81
N VAL B 107 19.18 -27.75 -12.96
CA VAL B 107 17.97 -27.52 -12.16
C VAL B 107 16.88 -27.04 -13.11
N MET B 108 17.22 -26.15 -14.06
CA MET B 108 16.23 -25.64 -15.02
C MET B 108 15.61 -26.76 -15.78
N ARG B 109 16.43 -27.68 -16.35
CA ARG B 109 15.92 -28.82 -17.12
C ARG B 109 15.09 -29.75 -16.29
N ALA B 110 15.60 -30.15 -15.12
CA ALA B 110 14.90 -31.07 -14.23
C ALA B 110 13.59 -30.49 -13.69
N ALA B 111 13.58 -29.18 -13.35
CA ALA B 111 12.38 -28.52 -12.84
C ALA B 111 11.30 -28.48 -13.89
N VAL B 112 11.66 -28.16 -15.14
CA VAL B 112 10.70 -28.13 -16.25
C VAL B 112 10.17 -29.56 -16.50
N ALA B 113 11.05 -30.57 -16.41
CA ALA B 113 10.61 -31.97 -16.56
C ALA B 113 9.65 -32.34 -15.43
N ALA B 114 9.80 -31.73 -14.23
CA ALA B 114 8.93 -31.98 -13.08
C ALA B 114 7.59 -31.21 -13.10
N GLY B 115 7.48 -30.22 -13.98
CA GLY B 115 6.25 -29.43 -14.09
C GLY B 115 6.39 -27.91 -14.04
N ALA B 116 7.60 -27.38 -13.81
CA ALA B 116 7.81 -25.93 -13.81
C ALA B 116 7.51 -25.37 -15.20
N GLY B 117 6.86 -24.22 -15.23
CA GLY B 117 6.49 -23.54 -16.47
C GLY B 117 7.25 -22.28 -16.77
N MET B 118 8.18 -21.86 -15.91
CA MET B 118 8.94 -20.64 -16.11
C MET B 118 10.25 -20.77 -15.38
N ILE B 119 11.29 -20.10 -15.88
CA ILE B 119 12.60 -20.07 -15.23
C ILE B 119 12.85 -18.64 -14.76
N ASN B 120 13.12 -18.50 -13.47
CA ASN B 120 13.41 -17.20 -12.90
C ASN B 120 14.91 -17.20 -12.61
N ASP B 121 15.69 -16.54 -13.46
CA ASP B 121 17.15 -16.61 -13.34
C ASP B 121 17.83 -15.32 -12.86
N VAL B 122 18.33 -15.35 -11.61
CA VAL B 122 19.10 -14.23 -11.03
C VAL B 122 20.36 -13.89 -11.85
N GLN B 123 20.90 -14.87 -12.59
CA GLN B 123 22.10 -14.71 -13.41
C GLN B 123 21.82 -14.37 -14.88
N ALA B 124 20.53 -14.16 -15.24
CA ALA B 124 20.08 -13.80 -16.61
C ALA B 124 20.74 -14.69 -17.70
N LEU B 125 20.75 -16.01 -17.47
CA LEU B 125 21.29 -17.05 -18.37
C LEU B 125 22.78 -16.95 -18.62
N ARG B 126 23.53 -16.40 -17.66
CA ARG B 126 24.98 -16.27 -17.79
C ARG B 126 25.75 -17.54 -17.39
N GLN B 127 25.11 -18.48 -16.65
CA GLN B 127 25.78 -19.75 -16.30
C GLN B 127 25.99 -20.57 -17.57
N PRO B 128 27.19 -21.15 -17.78
CA PRO B 128 27.41 -21.96 -18.99
C PRO B 128 26.37 -23.09 -19.15
N GLY B 129 25.61 -23.05 -20.23
CA GLY B 129 24.56 -24.03 -20.51
C GLY B 129 23.15 -23.51 -20.30
N ALA B 130 23.02 -22.35 -19.64
CA ALA B 130 21.68 -21.86 -19.37
C ALA B 130 20.95 -21.41 -20.67
N LEU B 131 21.67 -20.72 -21.59
CA LEU B 131 21.08 -20.25 -22.86
C LEU B 131 20.54 -21.43 -23.64
N ASP B 132 21.34 -22.53 -23.75
CA ASP B 132 21.00 -23.79 -24.43
C ASP B 132 19.82 -24.45 -23.75
N ALA B 133 19.88 -24.53 -22.42
CA ALA B 133 18.80 -25.17 -21.68
C ALA B 133 17.47 -24.48 -21.92
N VAL B 134 17.43 -23.17 -21.84
CA VAL B 134 16.19 -22.41 -22.02
C VAL B 134 15.69 -22.46 -23.48
N ALA B 135 16.63 -22.34 -24.47
CA ALA B 135 16.28 -22.35 -25.90
C ALA B 135 15.48 -23.63 -26.23
N ASP B 136 15.87 -24.79 -25.68
CA ASP B 136 15.24 -26.09 -25.84
C ASP B 136 13.93 -26.28 -25.08
N LEU B 137 13.77 -25.60 -23.93
CA LEU B 137 12.61 -25.79 -23.06
C LEU B 137 11.35 -25.06 -23.49
N ARG B 138 11.46 -23.96 -24.24
CA ARG B 138 10.33 -23.16 -24.73
C ARG B 138 9.34 -22.76 -23.58
N VAL B 139 9.90 -22.26 -22.47
CA VAL B 139 9.19 -21.75 -21.28
C VAL B 139 9.60 -20.28 -21.14
N PRO B 140 8.79 -19.39 -20.50
CA PRO B 140 9.26 -18.01 -20.29
C PRO B 140 10.47 -17.99 -19.34
N VAL B 141 11.27 -16.95 -19.44
CA VAL B 141 12.47 -16.79 -18.61
C VAL B 141 12.60 -15.35 -18.14
N VAL B 142 12.91 -15.17 -16.83
CA VAL B 142 13.17 -13.88 -16.23
C VAL B 142 14.66 -13.62 -16.28
N LEU B 143 15.05 -12.49 -16.89
CA LEU B 143 16.42 -12.01 -17.02
C LEU B 143 16.63 -10.91 -15.99
N MET B 144 17.26 -11.24 -14.86
CA MET B 144 17.47 -10.30 -13.78
C MET B 144 18.85 -9.68 -13.82
N HIS B 145 18.95 -8.47 -13.29
CA HIS B 145 20.28 -7.82 -13.22
C HIS B 145 20.88 -8.01 -11.83
N MET B 146 22.10 -8.53 -11.81
CA MET B 146 22.92 -8.63 -10.58
C MET B 146 24.39 -8.45 -11.00
N PRO B 147 25.18 -7.60 -10.33
CA PRO B 147 26.58 -7.39 -10.72
C PRO B 147 27.46 -8.60 -10.41
N ALA B 156 27.61 -3.47 -2.33
CA ALA B 156 27.09 -2.87 -3.55
C ALA B 156 28.21 -2.12 -4.31
N PRO B 157 28.37 -2.36 -5.64
CA PRO B 157 29.40 -1.62 -6.38
C PRO B 157 28.98 -0.17 -6.63
N HIS B 158 29.95 0.67 -7.01
CA HIS B 158 29.68 2.06 -7.33
C HIS B 158 29.08 2.09 -8.72
N TYR B 159 27.98 2.83 -8.90
CA TYR B 159 27.35 2.99 -10.21
C TYR B 159 27.43 4.47 -10.55
N ASP B 160 27.92 4.79 -11.75
CA ASP B 160 27.94 6.18 -12.23
C ASP B 160 26.48 6.57 -12.52
N ASP B 161 25.70 5.63 -13.08
CA ASP B 161 24.29 5.81 -13.37
C ASP B 161 23.65 4.40 -13.34
N VAL B 162 23.12 4.00 -12.17
CA VAL B 162 22.52 2.67 -11.96
C VAL B 162 21.39 2.38 -12.97
N VAL B 163 20.55 3.38 -13.29
CA VAL B 163 19.45 3.20 -14.23
C VAL B 163 19.96 2.87 -15.63
N ALA B 164 20.94 3.66 -16.12
CA ALA B 164 21.55 3.46 -17.44
C ALA B 164 22.31 2.13 -17.49
N GLU B 165 23.02 1.78 -16.42
CA GLU B 165 23.78 0.52 -16.35
C GLU B 165 22.89 -0.73 -16.29
N VAL B 166 21.79 -0.67 -15.52
CA VAL B 166 20.84 -1.78 -15.43
C VAL B 166 20.14 -1.94 -16.79
N HIS B 167 19.76 -0.81 -17.42
CA HIS B 167 19.12 -0.80 -18.74
C HIS B 167 20.06 -1.44 -19.78
N ARG B 168 21.31 -1.03 -19.81
CA ARG B 168 22.30 -1.58 -20.76
C ARG B 168 22.44 -3.09 -20.57
N PHE B 169 22.73 -3.51 -19.33
CA PHE B 169 22.84 -4.95 -18.99
C PHE B 169 21.63 -5.72 -19.52
N LEU B 170 20.41 -5.25 -19.25
CA LEU B 170 19.15 -5.92 -19.66
C LEU B 170 19.02 -5.98 -21.20
N VAL B 171 19.39 -4.91 -21.89
CA VAL B 171 19.42 -4.89 -23.36
C VAL B 171 20.38 -6.04 -23.84
N GLU B 172 21.58 -6.11 -23.26
CA GLU B 172 22.59 -7.13 -23.63
C GLU B 172 22.10 -8.56 -23.39
N ARG B 173 21.36 -8.78 -22.28
CA ARG B 173 20.81 -10.12 -22.00
C ARG B 173 19.64 -10.45 -22.89
N ILE B 174 18.77 -9.45 -23.21
CA ILE B 174 17.64 -9.70 -24.14
C ILE B 174 18.26 -10.17 -25.49
N PHE B 175 19.29 -9.43 -25.99
CA PHE B 175 20.03 -9.69 -27.25
C PHE B 175 20.66 -11.07 -27.24
N ALA B 176 21.35 -11.43 -26.14
CA ALA B 176 22.00 -12.73 -25.97
C ALA B 176 20.98 -13.86 -25.98
N ALA B 177 19.82 -13.66 -25.31
CA ALA B 177 18.76 -14.68 -25.28
C ALA B 177 18.19 -14.87 -26.71
N GLU B 178 17.88 -13.76 -27.40
CA GLU B 178 17.34 -13.79 -28.77
C GLU B 178 18.30 -14.46 -29.74
N MET B 179 19.61 -14.12 -29.64
CA MET B 179 20.67 -14.72 -30.49
C MET B 179 20.80 -16.22 -30.23
N ALA B 180 20.39 -16.72 -29.03
CA ALA B 180 20.47 -18.14 -28.68
C ALA B 180 19.22 -18.90 -29.11
N GLY B 181 18.28 -18.20 -29.74
CA GLY B 181 17.05 -18.83 -30.23
C GLY B 181 15.86 -18.76 -29.29
N ILE B 182 15.95 -17.91 -28.26
CA ILE B 182 14.85 -17.74 -27.31
C ILE B 182 13.99 -16.60 -27.87
N ASP B 183 12.74 -16.92 -28.18
CA ASP B 183 11.76 -15.95 -28.69
C ASP B 183 11.59 -14.81 -27.68
N LYS B 184 11.65 -13.56 -28.17
CA LYS B 184 11.51 -12.34 -27.36
C LYS B 184 10.22 -12.36 -26.52
N ARG B 185 9.14 -12.97 -27.05
CA ARG B 185 7.85 -13.08 -26.37
C ARG B 185 7.88 -13.98 -25.13
N ARG B 186 8.99 -14.73 -24.93
CA ARG B 186 9.16 -15.60 -23.75
C ARG B 186 9.99 -14.89 -22.68
N LEU B 187 10.43 -13.66 -22.95
CA LEU B 187 11.28 -12.95 -22.02
C LEU B 187 10.57 -12.04 -21.04
N LEU B 188 11.17 -11.90 -19.85
CA LEU B 188 10.77 -10.94 -18.82
C LEU B 188 12.09 -10.36 -18.36
N ILE B 189 12.08 -9.12 -17.90
CA ILE B 189 13.30 -8.49 -17.34
C ILE B 189 13.03 -8.03 -15.90
N ASP B 190 14.09 -7.85 -15.13
CA ASP B 190 13.94 -7.49 -13.71
C ASP B 190 15.18 -6.72 -13.28
N PRO B 191 15.03 -5.52 -12.67
CA PRO B 191 16.16 -4.72 -12.25
C PRO B 191 16.95 -5.32 -11.08
N GLY B 192 16.45 -6.39 -10.49
CA GLY B 192 17.14 -7.03 -9.38
C GLY B 192 17.27 -6.15 -8.16
N PHE B 193 16.13 -5.70 -7.60
CA PHE B 193 16.18 -4.86 -6.39
C PHE B 193 16.92 -5.59 -5.28
N GLY B 194 17.86 -4.89 -4.63
CA GLY B 194 18.63 -5.46 -3.53
C GLY B 194 19.84 -6.31 -3.90
N PHE B 195 20.09 -6.56 -5.20
CA PHE B 195 21.27 -7.35 -5.63
C PHE B 195 22.40 -6.39 -6.03
N GLY B 196 23.36 -6.22 -5.13
CA GLY B 196 24.49 -5.30 -5.32
C GLY B 196 24.00 -3.88 -5.55
N LYS B 197 23.00 -3.45 -4.74
CA LYS B 197 22.38 -2.12 -4.84
C LYS B 197 22.12 -1.51 -3.49
N SER B 198 22.48 -0.22 -3.33
CA SER B 198 22.22 0.46 -2.06
C SER B 198 20.74 0.84 -2.03
N THR B 199 20.24 1.30 -0.86
CA THR B 199 18.87 1.77 -0.74
C THR B 199 18.63 2.88 -1.79
N ALA B 200 19.57 3.84 -1.95
CA ALA B 200 19.48 4.93 -2.93
C ALA B 200 19.39 4.42 -4.37
N ASP B 201 20.17 3.35 -4.73
CA ASP B 201 20.12 2.72 -6.05
C ASP B 201 18.74 2.08 -6.28
N ASN B 202 18.20 1.39 -5.27
CA ASN B 202 16.88 0.74 -5.38
C ASN B 202 15.77 1.76 -5.59
N VAL B 203 15.81 2.89 -4.85
CA VAL B 203 14.80 3.95 -4.96
C VAL B 203 14.90 4.59 -6.36
N GLN B 204 16.14 4.84 -6.83
CA GLN B 204 16.38 5.36 -8.18
C GLN B 204 15.79 4.43 -9.25
N LEU B 205 16.02 3.11 -9.13
CA LEU B 205 15.50 2.14 -10.09
C LEU B 205 13.99 2.05 -10.10
N LEU B 206 13.38 2.13 -8.92
CA LEU B 206 11.92 2.11 -8.77
C LEU B 206 11.30 3.37 -9.38
N ALA B 207 11.86 4.55 -9.04
CA ALA B 207 11.37 5.82 -9.58
C ALA B 207 11.52 5.87 -11.09
N HIS B 208 12.62 5.32 -11.63
CA HIS B 208 12.88 5.32 -13.08
C HIS B 208 12.46 4.04 -13.78
N LEU B 209 11.61 3.21 -13.13
CA LEU B 209 11.11 1.95 -13.71
C LEU B 209 10.48 2.11 -15.10
N PRO B 210 9.73 3.21 -15.43
CA PRO B 210 9.17 3.32 -16.80
C PRO B 210 10.21 3.24 -17.92
N ARG B 211 11.48 3.65 -17.65
CA ARG B 211 12.59 3.62 -18.61
C ARG B 211 12.92 2.18 -19.02
N LEU B 212 12.75 1.21 -18.06
CA LEU B 212 12.97 -0.21 -18.32
C LEU B 212 11.83 -0.82 -19.12
N CYS B 213 10.62 -0.26 -18.99
CA CYS B 213 9.41 -0.77 -19.67
C CYS B 213 9.38 -0.47 -21.17
N GLU B 214 10.33 0.37 -21.63
CA GLU B 214 10.52 0.75 -23.04
C GLU B 214 11.21 -0.36 -23.85
N LEU B 215 11.74 -1.41 -23.18
CA LEU B 215 12.44 -2.50 -23.88
C LEU B 215 11.50 -3.49 -24.57
N GLY B 216 10.18 -3.28 -24.43
CA GLY B 216 9.16 -4.11 -25.05
C GLY B 216 8.95 -5.46 -24.43
N VAL B 217 9.46 -5.66 -23.20
CA VAL B 217 9.32 -6.94 -22.50
C VAL B 217 8.74 -6.69 -21.11
N PRO B 218 7.85 -7.56 -20.62
CA PRO B 218 7.28 -7.35 -19.26
C PRO B 218 8.36 -7.23 -18.18
N VAL B 219 8.11 -6.36 -17.21
CA VAL B 219 9.05 -6.10 -16.13
C VAL B 219 8.55 -6.74 -14.84
N LEU B 220 9.43 -7.46 -14.14
CA LEU B 220 9.15 -8.07 -12.83
C LEU B 220 9.89 -7.23 -11.77
N ALA B 221 9.23 -6.94 -10.64
CA ALA B 221 9.86 -6.21 -9.53
C ALA B 221 9.68 -7.04 -8.26
N GLY B 222 10.75 -7.18 -7.49
CA GLY B 222 10.75 -7.89 -6.22
C GLY B 222 11.41 -7.06 -5.14
N LEU B 223 10.64 -6.42 -4.27
CA LEU B 223 11.17 -5.60 -3.17
C LEU B 223 10.65 -6.17 -1.86
N SER B 224 10.10 -7.37 -1.92
CA SER B 224 9.42 -7.99 -0.78
C SER B 224 10.32 -8.12 0.47
N ARG B 225 9.97 -7.39 1.51
CA ARG B 225 10.57 -7.39 2.86
C ARG B 225 12.08 -7.19 2.82
N LYS B 226 12.57 -6.56 1.76
CA LYS B 226 13.99 -6.39 1.54
C LYS B 226 14.59 -5.32 2.45
N ARG B 227 15.90 -5.43 2.69
CA ARG B 227 16.61 -4.51 3.58
C ARG B 227 16.38 -3.04 3.22
N SER B 228 16.37 -2.66 1.91
CA SER B 228 16.10 -1.28 1.52
C SER B 228 14.74 -0.80 2.03
N ILE B 229 13.71 -1.67 2.03
CA ILE B 229 12.38 -1.31 2.54
C ILE B 229 12.52 -1.03 4.03
N GLY B 230 13.26 -1.91 4.70
CA GLY B 230 13.58 -1.80 6.13
C GLY B 230 14.28 -0.50 6.44
N GLU B 231 15.23 -0.07 5.59
CA GLU B 231 15.97 1.19 5.77
C GLU B 231 15.06 2.41 5.56
N LEU B 232 14.17 2.37 4.54
CA LEU B 232 13.27 3.48 4.26
C LEU B 232 12.25 3.69 5.36
N THR B 233 11.80 2.61 6.02
CA THR B 233 10.75 2.69 7.03
C THR B 233 11.22 2.54 8.48
N GLY B 234 12.48 2.18 8.68
CA GLY B 234 13.04 1.94 10.00
C GLY B 234 12.53 0.63 10.59
N ARG B 235 12.20 -0.36 9.73
CA ARG B 235 11.67 -1.66 10.19
C ARG B 235 12.79 -2.68 10.13
N GLU B 236 13.31 -3.09 11.28
CA GLU B 236 14.45 -4.00 11.37
C GLU B 236 14.19 -5.44 10.96
N LEU B 237 13.00 -5.96 11.25
CA LEU B 237 12.73 -7.38 10.95
C LEU B 237 11.92 -7.57 9.66
N PRO B 238 12.21 -8.63 8.85
CA PRO B 238 11.46 -8.81 7.57
C PRO B 238 9.96 -8.74 7.71
N GLU B 239 9.44 -9.40 8.74
CA GLU B 239 8.00 -9.49 8.99
C GLU B 239 7.35 -8.15 9.39
N GLN B 240 8.15 -7.11 9.72
CA GLN B 240 7.69 -5.75 10.08
C GLN B 240 7.65 -4.87 8.82
N ARG B 241 8.18 -5.38 7.68
CA ARG B 241 8.27 -4.63 6.42
C ARG B 241 7.10 -4.87 5.44
N VAL B 242 6.00 -5.46 5.89
CA VAL B 242 4.86 -5.78 5.00
C VAL B 242 4.21 -4.51 4.38
N ALA B 243 3.83 -3.53 5.21
CA ALA B 243 3.21 -2.31 4.68
C ALA B 243 4.12 -1.62 3.69
N GLY B 244 5.41 -1.47 4.02
CA GLY B 244 6.34 -0.80 3.11
C GLY B 244 6.54 -1.56 1.82
N SER B 245 6.52 -2.90 1.89
CA SER B 245 6.70 -3.76 0.70
C SER B 245 5.47 -3.66 -0.20
N VAL B 246 4.26 -3.70 0.40
CA VAL B 246 2.98 -3.60 -0.35
C VAL B 246 2.97 -2.25 -1.08
N ALA B 247 3.39 -1.16 -0.41
CA ALA B 247 3.48 0.17 -1.03
C ALA B 247 4.48 0.17 -2.18
N ALA B 248 5.69 -0.41 -1.99
CA ALA B 248 6.74 -0.47 -3.03
C ALA B 248 6.22 -1.21 -4.25
N HIS B 249 5.53 -2.33 -4.03
CA HIS B 249 4.98 -3.11 -5.13
C HIS B 249 3.85 -2.40 -5.86
N LEU B 250 3.01 -1.63 -5.15
CA LEU B 250 1.96 -0.83 -5.79
C LEU B 250 2.60 0.23 -6.65
N LEU B 251 3.65 0.93 -6.13
CA LEU B 251 4.38 1.94 -6.90
C LEU B 251 5.06 1.34 -8.12
N ALA B 252 5.63 0.12 -7.98
CA ALA B 252 6.28 -0.60 -9.09
C ALA B 252 5.23 -0.89 -10.17
N ALA B 253 4.03 -1.37 -9.78
CA ALA B 253 2.92 -1.59 -10.73
C ALA B 253 2.48 -0.26 -11.41
N GLN B 254 2.39 0.84 -10.64
CA GLN B 254 2.01 2.13 -11.22
C GLN B 254 3.03 2.61 -12.25
N ARG B 255 4.30 2.22 -12.04
CA ARG B 255 5.42 2.62 -12.88
C ARG B 255 5.76 1.61 -13.98
N GLY B 256 4.82 0.70 -14.27
CA GLY B 256 4.99 -0.22 -15.37
C GLY B 256 5.23 -1.70 -15.11
N ALA B 257 5.58 -2.10 -13.87
CA ALA B 257 5.84 -3.52 -13.60
C ALA B 257 4.59 -4.34 -13.85
N LEU B 258 4.73 -5.49 -14.55
CA LEU B 258 3.58 -6.36 -14.82
C LEU B 258 3.57 -7.62 -13.96
N LEU B 259 4.65 -7.83 -13.20
CA LEU B 259 4.73 -9.00 -12.31
C LEU B 259 5.42 -8.53 -11.02
N LEU B 260 4.93 -9.01 -9.86
CA LEU B 260 5.43 -8.60 -8.55
C LEU B 260 5.76 -9.81 -7.70
N ARG B 261 7.02 -9.92 -7.29
CA ARG B 261 7.50 -11.09 -6.52
C ARG B 261 7.41 -10.80 -5.04
N VAL B 262 6.39 -11.37 -4.37
CA VAL B 262 6.07 -11.02 -2.99
C VAL B 262 5.88 -12.21 -2.02
N HIS B 263 6.12 -11.96 -0.72
CA HIS B 263 5.83 -12.92 0.34
C HIS B 263 4.35 -12.74 0.74
N ASP B 264 3.90 -11.46 0.77
CA ASP B 264 2.58 -11.06 1.27
C ASP B 264 1.57 -10.94 0.16
N VAL B 265 1.12 -12.11 -0.27
CA VAL B 265 0.25 -12.24 -1.43
C VAL B 265 -1.12 -11.58 -1.20
N ALA B 266 -1.87 -11.97 -0.16
CA ALA B 266 -3.25 -11.42 0.05
C ALA B 266 -3.24 -9.91 0.18
N ALA B 267 -2.21 -9.36 0.89
CA ALA B 267 -2.09 -7.93 1.08
C ALA B 267 -1.79 -7.22 -0.23
N THR B 268 -0.85 -7.76 -1.06
CA THR B 268 -0.49 -7.14 -2.34
C THR B 268 -1.70 -7.22 -3.29
N VAL B 269 -2.39 -8.39 -3.31
CA VAL B 269 -3.61 -8.55 -4.11
C VAL B 269 -4.64 -7.41 -3.76
N ASP B 270 -4.92 -7.22 -2.47
CA ASP B 270 -5.86 -6.17 -2.02
C ASP B 270 -5.43 -4.78 -2.45
N ALA B 271 -4.12 -4.44 -2.32
CA ALA B 271 -3.61 -3.14 -2.75
C ALA B 271 -3.83 -2.91 -4.25
N LEU B 272 -3.46 -3.91 -5.08
CA LEU B 272 -3.62 -3.80 -6.53
C LEU B 272 -5.10 -3.74 -6.95
N THR B 273 -5.98 -4.46 -6.23
CA THR B 273 -7.42 -4.47 -6.52
C THR B 273 -8.02 -3.06 -6.30
N VAL B 274 -7.65 -2.39 -5.18
CA VAL B 274 -8.10 -1.03 -4.90
C VAL B 274 -7.61 -0.11 -6.02
N TRP B 275 -6.31 -0.20 -6.36
CA TRP B 275 -5.74 0.63 -7.43
C TRP B 275 -6.40 0.38 -8.78
N GLN B 276 -6.68 -0.89 -9.13
CA GLN B 276 -7.33 -1.23 -10.40
C GLN B 276 -8.72 -0.56 -10.46
N ALA B 277 -9.48 -0.57 -9.34
CA ALA B 277 -10.82 0.06 -9.25
C ALA B 277 -10.74 1.56 -9.54
N VAL B 278 -9.74 2.25 -8.98
CA VAL B 278 -9.52 3.68 -9.17
C VAL B 278 -9.08 3.97 -10.60
N GLN B 279 -8.11 3.17 -11.11
CA GLN B 279 -7.55 3.31 -12.46
C GLN B 279 -8.62 3.13 -13.55
N ALA B 280 -9.60 2.23 -13.32
CA ALA B 280 -10.70 1.91 -14.24
C ALA B 280 -11.68 3.07 -14.49
N VAL B 281 -11.68 4.10 -13.61
CA VAL B 281 -12.59 5.25 -13.74
C VAL B 281 -12.18 6.15 -14.93
N PRO B 282 -13.09 6.36 -15.91
CA PRO B 282 -12.73 7.21 -17.07
C PRO B 282 -12.85 8.70 -16.78
C7 22D C . -15.99 9.23 11.49
N8 22D C . -15.45 10.56 11.29
C8A 22D C . -14.95 10.90 10.10
N1 22D C . -14.48 12.16 10.01
C2 22D C . -14.09 12.60 8.83
N2 22D C . -13.72 13.87 8.71
N3 22D C . -14.03 11.82 7.70
C4 22D C . -14.41 10.49 7.65
O4 22D C . -14.22 9.84 6.68
C4A 22D C . -14.94 10.01 8.97
N5 22D C . -15.52 8.77 9.10
C6 22D C . -15.98 8.40 10.24
C9 22D C . -16.53 7.02 10.51
N10 22D C . -17.61 6.89 9.58
CBX 22D C . -17.97 5.74 8.95
CAR 22D C . -17.45 4.52 9.32
CAT 22D C . -17.58 3.43 8.46
CAQ 22D C . -18.68 5.85 7.76
CAS 22D C . -18.81 4.78 6.93
CBY 22D C . -18.25 3.55 7.26
CBV 22D C . -18.44 2.41 6.32
OAJ 22D C . -18.76 2.61 5.20
OXT 22D C . -18.11 1.27 6.78
S SO4 D . -14.45 5.02 12.93
O1 SO4 D . -13.76 3.88 13.58
O2 SO4 D . -13.79 5.40 11.69
O3 SO4 D . -15.84 4.62 12.73
O4 SO4 D . -14.46 6.20 13.87
C7 22D E . 15.45 -14.14 -5.04
N8 22D E . 14.94 -14.25 -6.40
C8A 22D E . 14.52 -13.18 -7.10
N1 22D E . 14.03 -13.37 -8.36
C2 22D E . 13.75 -12.29 -9.06
N2 22D E . 13.39 -12.41 -10.33
N3 22D E . 13.82 -11.01 -8.56
C4 22D E . 14.20 -10.69 -7.27
O4 22D E . 14.19 -9.52 -6.91
C4A 22D E . 14.58 -11.85 -6.48
N5 22D E . 14.98 -11.68 -5.17
C6 22D E . 15.39 -12.71 -4.52
C9 22D E . 15.92 -12.58 -3.12
N10 22D E . 16.93 -11.54 -3.17
CBX 22D E . 17.28 -10.72 -2.12
CAR 22D E . 18.19 -9.69 -2.32
CAT 22D E . 18.39 -8.74 -1.34
CAQ 22D E . 16.65 -10.86 -0.88
CAS 22D E . 16.87 -9.91 0.12
CBY 22D E . 17.71 -8.83 -0.12
CBV 22D E . 17.74 -7.70 0.85
OAJ 22D E . 18.34 -6.62 0.42
OXT 22D E . 17.24 -7.80 1.95
S SO4 F . 13.49 -14.21 -0.71
O1 SO4 F . 13.38 -15.33 -1.67
O2 SO4 F . 12.99 -13.04 -1.35
O3 SO4 F . 12.74 -14.52 0.49
O4 SO4 F . 14.89 -14.02 -0.38
S SO4 G . 17.57 -8.28 6.58
O1 SO4 G . 18.88 -8.85 6.25
O2 SO4 G . 16.67 -8.42 5.43
O3 SO4 G . 17.03 -9.00 7.73
O4 SO4 G . 17.71 -6.87 6.91
#